data_8C09
#
_entry.id   8C09
#
_cell.length_a   48.869
_cell.length_b   53.192
_cell.length_c   99.453
_cell.angle_alpha   90.000
_cell.angle_beta   90.000
_cell.angle_gamma   90.000
#
_symmetry.space_group_name_H-M   'P 21 21 21'
#
loop_
_entity.id
_entity.type
_entity.pdbx_description
1 polymer 'Tyrosine-protein kinase JAK2'
2 water water
#
_entity_poly.entity_id   1
_entity_poly.type   'polypeptide(L)'
_entity_poly.pdbx_seq_one_letter_code
;VFHKIRNEDLIFNESLGQGTFTKFFKGVRREVGDYGQLHETEVLLKVLDKAHRNYSESFFEAASMMSKLSHKHLVLNYGV
CVCGDENILVQEFVKFGSLDTYLKKNKNCINILWKLEVAKQLAAAMHFLEENTLIHGNVCAKNILLIREEDRKTGNPPFI
KLSDPGISITVLPKDILQERIPWVPPECIENPKNLNLATDKWSFGTTLWEICSGGDKPLSALDSQRKLQFYEDRHQLPAP
KAAELANLINNCMDYEPDHRPSFRAIIRDLNSLFTPDLVPRGSHHHHHH
;
_entity_poly.pdbx_strand_id   A
#
# COMPACT_ATOMS: atom_id res chain seq x y z
N HIS A 3 -4.79 -10.58 -18.67
CA HIS A 3 -5.17 -11.75 -17.91
C HIS A 3 -6.66 -11.68 -17.51
N LYS A 4 -7.52 -12.25 -18.35
CA LYS A 4 -8.96 -12.22 -18.15
C LYS A 4 -9.42 -13.55 -17.57
N ILE A 5 -10.31 -13.48 -16.57
CA ILE A 5 -10.77 -14.65 -15.83
C ILE A 5 -12.29 -14.66 -15.83
N ARG A 6 -12.85 -15.87 -15.77
CA ARG A 6 -14.30 -16.05 -15.78
C ARG A 6 -14.85 -16.03 -14.36
N ASN A 7 -16.12 -15.60 -14.24
CA ASN A 7 -16.78 -15.60 -12.95
C ASN A 7 -16.95 -17.02 -12.42
N GLU A 8 -17.21 -17.98 -13.31
CA GLU A 8 -17.38 -19.36 -12.88
C GLU A 8 -16.11 -19.92 -12.25
N ASP A 9 -14.95 -19.40 -12.65
CA ASP A 9 -13.67 -19.89 -12.17
C ASP A 9 -13.34 -19.42 -10.76
N LEU A 10 -14.09 -18.47 -10.21
CA LEU A 10 -13.76 -17.83 -8.94
C LEU A 10 -14.74 -18.28 -7.86
N ILE A 11 -14.20 -18.82 -6.77
CA ILE A 11 -14.97 -19.26 -5.63
C ILE A 11 -14.74 -18.26 -4.51
N PHE A 12 -15.83 -17.66 -4.02
CA PHE A 12 -15.77 -16.71 -2.92
C PHE A 12 -15.82 -17.46 -1.59
N ASN A 13 -14.84 -17.19 -0.72
CA ASN A 13 -14.83 -17.71 0.64
C ASN A 13 -15.12 -16.55 1.58
N GLU A 14 -14.38 -16.43 2.69
CA GLU A 14 -14.73 -15.42 3.70
C GLU A 14 -14.33 -14.01 3.27
N SER A 15 -15.09 -13.02 3.75
CA SER A 15 -14.72 -11.63 3.55
C SER A 15 -13.51 -11.28 4.41
N LEU A 16 -12.68 -10.38 3.91
CA LEU A 16 -11.43 -10.02 4.57
C LEU A 16 -11.25 -8.51 4.61
N GLY A 17 -12.32 -7.78 4.89
CA GLY A 17 -12.22 -6.34 4.98
C GLY A 17 -12.54 -5.64 3.68
N GLN A 18 -12.05 -4.41 3.56
CA GLN A 18 -12.46 -3.56 2.46
C GLN A 18 -11.48 -2.42 2.29
N GLY A 19 -11.58 -1.75 1.15
CA GLY A 19 -10.85 -0.52 0.88
C GLY A 19 -11.80 0.56 0.41
N THR A 20 -11.27 1.62 -0.20
CA THR A 20 -12.11 2.70 -0.69
C THR A 20 -12.96 2.19 -1.86
N PHE A 21 -14.25 2.00 -1.61
CA PHE A 21 -15.19 1.53 -2.62
C PHE A 21 -14.83 0.12 -3.11
N THR A 22 -14.16 -0.66 -2.28
CA THR A 22 -13.74 -2.00 -2.65
C THR A 22 -13.96 -2.94 -1.47
N LYS A 23 -14.30 -4.20 -1.79
CA LYS A 23 -14.48 -5.26 -0.81
C LYS A 23 -13.51 -6.39 -1.11
N PHE A 24 -12.92 -6.95 -0.05
CA PHE A 24 -11.91 -8.00 -0.19
C PHE A 24 -12.50 -9.33 0.27
N PHE A 25 -12.09 -10.40 -0.41
CA PHE A 25 -12.57 -11.74 -0.06
C PHE A 25 -11.46 -12.75 -0.31
N LYS A 26 -11.30 -13.70 0.62
CA LYS A 26 -10.52 -14.89 0.35
C LYS A 26 -11.26 -15.75 -0.67
N GLY A 27 -10.53 -16.33 -1.62
CA GLY A 27 -11.16 -17.07 -2.68
C GLY A 27 -10.25 -18.14 -3.25
N VAL A 28 -10.78 -18.87 -4.22
CA VAL A 28 -10.04 -19.90 -4.94
C VAL A 28 -10.25 -19.66 -6.43
N ARG A 29 -9.16 -19.67 -7.19
CA ARG A 29 -9.22 -19.53 -8.64
C ARG A 29 -9.12 -20.92 -9.26
N ARG A 30 -10.11 -21.26 -10.09
CA ARG A 30 -10.22 -22.59 -10.68
C ARG A 30 -9.88 -22.50 -12.17
N GLU A 31 -9.07 -23.43 -12.64
CA GLU A 31 -8.65 -23.41 -14.04
C GLU A 31 -8.33 -24.83 -14.50
N VAL A 32 -8.71 -25.13 -15.73
CA VAL A 32 -8.44 -26.43 -16.34
C VAL A 32 -7.10 -26.35 -17.05
N GLY A 33 -6.21 -27.28 -16.71
CA GLY A 33 -4.93 -27.41 -17.38
C GLY A 33 -4.96 -28.47 -18.46
N ASP A 34 -3.79 -28.74 -19.02
CA ASP A 34 -3.66 -29.80 -20.01
C ASP A 34 -3.74 -31.16 -19.36
N TYR A 35 -3.99 -32.18 -20.18
CA TYR A 35 -4.12 -33.56 -19.71
C TYR A 35 -5.26 -33.73 -18.72
N GLY A 36 -6.26 -32.86 -18.77
CA GLY A 36 -7.39 -32.95 -17.87
C GLY A 36 -7.12 -32.50 -16.45
N GLN A 37 -5.95 -31.95 -16.17
CA GLN A 37 -5.64 -31.50 -14.82
C GLN A 37 -6.48 -30.29 -14.43
N LEU A 38 -6.84 -30.22 -13.15
CA LEU A 38 -7.54 -29.07 -12.59
C LEU A 38 -6.63 -28.42 -11.56
N HIS A 39 -6.32 -27.14 -11.78
CA HIS A 39 -5.44 -26.38 -10.89
C HIS A 39 -6.28 -25.41 -10.06
N GLU A 40 -6.14 -25.48 -8.75
CA GLU A 40 -6.78 -24.53 -7.84
C GLU A 40 -5.71 -23.68 -7.17
N THR A 41 -5.99 -22.38 -7.05
CA THR A 41 -5.03 -21.42 -6.50
C THR A 41 -5.73 -20.57 -5.44
N GLU A 42 -5.10 -20.46 -4.28
CA GLU A 42 -5.61 -19.59 -3.22
C GLU A 42 -5.34 -18.15 -3.59
N VAL A 43 -6.40 -17.33 -3.63
CA VAL A 43 -6.29 -15.97 -4.13
C VAL A 43 -7.02 -15.00 -3.21
N LEU A 44 -6.64 -13.73 -3.29
CA LEU A 44 -7.40 -12.62 -2.72
C LEU A 44 -8.22 -12.00 -3.83
N LEU A 45 -9.52 -11.80 -3.57
CA LEU A 45 -10.43 -11.20 -4.53
C LEU A 45 -10.73 -9.78 -4.08
N LYS A 46 -10.43 -8.80 -4.93
CA LYS A 46 -10.74 -7.39 -4.67
C LYS A 46 -11.87 -6.99 -5.61
N VAL A 47 -13.04 -6.70 -5.03
CA VAL A 47 -14.26 -6.49 -5.77
C VAL A 47 -14.65 -5.03 -5.65
N LEU A 48 -14.96 -4.41 -6.79
CA LEU A 48 -15.40 -3.02 -6.82
C LEU A 48 -16.89 -2.93 -6.52
N ASP A 49 -17.24 -2.08 -5.56
CA ASP A 49 -18.64 -1.94 -5.17
C ASP A 49 -19.50 -1.50 -6.36
N LYS A 50 -20.69 -2.07 -6.46
CA LYS A 50 -21.69 -1.64 -7.43
C LYS A 50 -21.05 -1.61 -8.82
N ALA A 51 -21.57 -0.74 -9.70
CA ALA A 51 -21.03 -0.61 -11.05
C ALA A 51 -20.35 0.74 -11.21
N HIS A 52 -19.31 0.99 -10.40
CA HIS A 52 -18.57 2.24 -10.48
C HIS A 52 -17.69 2.21 -11.72
N ARG A 53 -18.13 2.89 -12.78
CA ARG A 53 -17.45 2.78 -14.07
C ARG A 53 -16.13 3.55 -14.07
N ASN A 54 -16.18 4.85 -13.76
CA ASN A 54 -14.96 5.64 -13.73
C ASN A 54 -13.95 5.06 -12.75
N TYR A 55 -14.44 4.55 -11.62
CA TYR A 55 -13.55 3.97 -10.63
C TYR A 55 -12.95 2.67 -11.13
N SER A 56 -13.75 1.83 -11.80
CA SER A 56 -13.24 0.55 -12.28
C SER A 56 -12.07 0.74 -13.22
N GLU A 57 -12.19 1.69 -14.16
CA GLU A 57 -11.08 1.99 -15.06
C GLU A 57 -9.84 2.42 -14.27
N SER A 58 -9.99 3.40 -13.37
CA SER A 58 -8.88 3.79 -12.51
C SER A 58 -8.42 2.60 -11.65
N PHE A 59 -9.38 1.87 -11.07
CA PHE A 59 -9.05 0.71 -10.25
C PHE A 59 -8.18 -0.28 -11.01
N PHE A 60 -8.55 -0.59 -12.26
CA PHE A 60 -7.83 -1.60 -13.03
C PHE A 60 -6.61 -1.00 -13.71
N GLU A 61 -6.70 0.24 -14.18
CA GLU A 61 -5.54 0.87 -14.82
C GLU A 61 -4.34 0.87 -13.89
N ALA A 62 -4.57 1.08 -12.60
CA ALA A 62 -3.47 1.11 -11.63
C ALA A 62 -2.82 -0.27 -11.51
N ALA A 63 -3.62 -1.31 -11.28
CA ALA A 63 -3.07 -2.65 -11.12
C ALA A 63 -2.38 -3.12 -12.39
N SER A 64 -2.93 -2.74 -13.55
CA SER A 64 -2.35 -3.19 -14.82
C SER A 64 -0.95 -2.62 -15.01
N MET A 65 -0.79 -1.31 -14.86
CA MET A 65 0.52 -0.69 -15.06
C MET A 65 1.56 -1.31 -14.14
N MET A 66 1.20 -1.57 -12.88
CA MET A 66 2.17 -2.10 -11.93
C MET A 66 2.49 -3.56 -12.24
N SER A 67 1.49 -4.32 -12.70
CA SER A 67 1.73 -5.73 -13.00
C SER A 67 2.59 -5.92 -14.25
N LYS A 68 2.61 -4.94 -15.15
CA LYS A 68 3.51 -5.04 -16.30
C LYS A 68 4.96 -5.14 -15.89
N LEU A 69 5.29 -4.74 -14.67
CA LEU A 69 6.66 -4.75 -14.17
C LEU A 69 6.88 -5.93 -13.23
N SER A 70 8.14 -6.24 -13.00
CA SER A 70 8.52 -7.38 -12.16
C SER A 70 9.50 -6.91 -11.10
N HIS A 71 9.07 -6.99 -9.83
CA HIS A 71 9.95 -6.70 -8.70
C HIS A 71 9.48 -7.55 -7.53
N LYS A 72 10.43 -8.08 -6.76
CA LYS A 72 10.08 -9.07 -5.75
C LYS A 72 9.30 -8.48 -4.58
N HIS A 73 9.30 -7.16 -4.42
CA HIS A 73 8.56 -6.51 -3.35
C HIS A 73 7.30 -5.81 -3.86
N LEU A 74 6.81 -6.18 -5.03
CA LEU A 74 5.53 -5.74 -5.55
C LEU A 74 4.58 -6.92 -5.60
N VAL A 75 3.30 -6.68 -5.28
CA VAL A 75 2.34 -7.76 -5.18
C VAL A 75 2.12 -8.40 -6.54
N LEU A 76 1.81 -9.70 -6.54
CA LEU A 76 1.49 -10.42 -7.76
C LEU A 76 -0.01 -10.40 -7.99
N ASN A 77 -0.42 -9.86 -9.14
CA ASN A 77 -1.80 -9.94 -9.59
C ASN A 77 -1.92 -11.02 -10.67
N TYR A 78 -2.93 -11.87 -10.54
CA TYR A 78 -3.13 -12.92 -11.54
C TYR A 78 -3.90 -12.40 -12.74
N GLY A 79 -4.87 -11.54 -12.51
CA GLY A 79 -5.69 -11.03 -13.58
C GLY A 79 -6.95 -10.37 -13.04
N VAL A 80 -7.87 -10.09 -13.95
CA VAL A 80 -9.10 -9.39 -13.63
C VAL A 80 -10.28 -10.18 -14.17
N CYS A 81 -11.46 -9.91 -13.60
CA CYS A 81 -12.70 -10.50 -14.07
C CYS A 81 -13.74 -9.40 -14.19
N VAL A 82 -14.21 -9.15 -15.41
CA VAL A 82 -15.44 -8.41 -15.63
C VAL A 82 -16.58 -9.36 -15.27
N CYS A 83 -16.65 -9.74 -13.99
CA CYS A 83 -17.55 -10.80 -13.52
C CYS A 83 -18.99 -10.29 -13.54
N GLY A 84 -19.57 -10.25 -14.74
CA GLY A 84 -20.94 -9.80 -14.88
C GLY A 84 -21.17 -8.41 -14.33
N ASP A 85 -21.92 -8.30 -13.24
CA ASP A 85 -22.12 -7.04 -12.56
C ASP A 85 -21.02 -6.74 -11.55
N GLU A 86 -19.91 -7.46 -11.61
CA GLU A 86 -18.80 -7.28 -10.69
C GLU A 86 -17.52 -6.99 -11.48
N ASN A 87 -16.67 -6.15 -10.90
CA ASN A 87 -15.31 -5.93 -11.38
C ASN A 87 -14.36 -6.45 -10.30
N ILE A 88 -13.55 -7.45 -10.65
CA ILE A 88 -12.73 -8.16 -9.68
C ILE A 88 -11.27 -8.13 -10.12
N LEU A 89 -10.38 -7.78 -9.20
CA LEU A 89 -8.95 -7.98 -9.36
C LEU A 89 -8.56 -9.23 -8.58
N VAL A 90 -7.94 -10.18 -9.25
CA VAL A 90 -7.52 -11.45 -8.63
C VAL A 90 -6.03 -11.36 -8.31
N GLN A 91 -5.69 -11.55 -7.05
CA GLN A 91 -4.37 -11.25 -6.52
C GLN A 91 -3.91 -12.41 -5.65
N GLU A 92 -2.58 -12.54 -5.52
CA GLU A 92 -2.04 -13.60 -4.70
C GLU A 92 -2.51 -13.44 -3.26
N PHE A 93 -2.74 -14.56 -2.60
CA PHE A 93 -3.17 -14.55 -1.20
C PHE A 93 -1.95 -14.55 -0.30
N VAL A 94 -1.99 -13.73 0.74
CA VAL A 94 -0.88 -13.54 1.68
C VAL A 94 -1.36 -13.96 3.05
N LYS A 95 -0.72 -14.99 3.62
CA LYS A 95 -1.17 -15.58 4.87
C LYS A 95 -1.32 -14.53 5.97
N PHE A 96 -0.28 -13.72 6.18
CA PHE A 96 -0.19 -12.87 7.36
C PHE A 96 -0.83 -11.50 7.17
N GLY A 97 -1.55 -11.29 6.08
CA GLY A 97 -2.35 -10.08 5.94
C GLY A 97 -1.52 -8.82 5.75
N SER A 98 -2.16 -7.70 6.07
CA SER A 98 -1.56 -6.38 5.87
C SER A 98 -0.63 -6.01 7.01
N LEU A 99 0.26 -5.05 6.74
CA LEU A 99 1.30 -4.70 7.70
C LEU A 99 0.70 -3.98 8.90
N ASP A 100 -0.27 -3.10 8.69
CA ASP A 100 -0.83 -2.34 9.80
C ASP A 100 -1.47 -3.26 10.83
N THR A 101 -2.19 -4.28 10.37
CA THR A 101 -2.76 -5.26 11.30
C THR A 101 -1.65 -6.05 11.99
N TYR A 102 -0.61 -6.42 11.26
CA TYR A 102 0.50 -7.16 11.85
C TYR A 102 1.22 -6.33 12.89
N LEU A 103 1.38 -5.03 12.62
CA LEU A 103 2.10 -4.16 13.57
C LEU A 103 1.37 -4.06 14.90
N LYS A 104 0.06 -3.80 14.86
CA LYS A 104 -0.68 -3.57 16.10
C LYS A 104 -0.75 -4.82 16.97
N LYS A 105 -0.55 -6.00 16.39
CA LYS A 105 -0.59 -7.24 17.16
C LYS A 105 0.78 -7.71 17.63
N ASN A 106 1.86 -7.26 16.97
CA ASN A 106 3.20 -7.74 17.27
C ASN A 106 4.16 -6.62 17.66
N LYS A 107 3.67 -5.40 17.86
CA LYS A 107 4.53 -4.29 18.24
C LYS A 107 5.32 -4.58 19.51
N ASN A 108 4.96 -5.61 20.27
CA ASN A 108 5.72 -5.98 21.46
C ASN A 108 7.02 -6.68 21.09
N CYS A 109 6.99 -7.53 20.07
CA CYS A 109 8.13 -8.36 19.69
C CYS A 109 8.72 -7.94 18.34
N ILE A 110 8.60 -6.66 18.00
CA ILE A 110 9.23 -6.08 16.82
C ILE A 110 10.21 -5.01 17.28
N ASN A 111 11.40 -5.01 16.71
CA ASN A 111 12.48 -4.15 17.15
C ASN A 111 12.98 -3.28 16.00
N ILE A 112 13.92 -2.39 16.33
CA ILE A 112 14.45 -1.43 15.35
C ILE A 112 14.91 -2.15 14.09
N LEU A 113 15.60 -3.28 14.24
CA LEU A 113 16.15 -3.96 13.07
C LEU A 113 15.05 -4.51 12.18
N TRP A 114 14.02 -5.12 12.78
CA TRP A 114 12.87 -5.58 12.00
C TRP A 114 12.23 -4.43 11.23
N LYS A 115 12.10 -3.27 11.88
CA LYS A 115 11.47 -2.13 11.23
C LYS A 115 12.35 -1.55 10.13
N LEU A 116 13.67 -1.57 10.33
CA LEU A 116 14.57 -1.06 9.31
C LEU A 116 14.54 -1.95 8.06
N GLU A 117 14.61 -3.26 8.25
CA GLU A 117 14.57 -4.17 7.10
C GLU A 117 13.29 -3.97 6.30
N VAL A 118 12.15 -3.93 6.98
CA VAL A 118 10.87 -3.75 6.28
C VAL A 118 10.87 -2.40 5.55
N ALA A 119 11.45 -1.37 6.16
CA ALA A 119 11.48 -0.07 5.51
C ALA A 119 12.38 -0.09 4.27
N LYS A 120 13.48 -0.83 4.33
CA LYS A 120 14.37 -0.94 3.17
C LYS A 120 13.67 -1.65 2.01
N GLN A 121 12.93 -2.73 2.30
CA GLN A 121 12.24 -3.44 1.24
C GLN A 121 11.21 -2.54 0.57
N LEU A 122 10.45 -1.78 1.36
CA LEU A 122 9.52 -0.81 0.80
C LEU A 122 10.26 0.22 -0.05
N ALA A 123 11.35 0.79 0.49
CA ALA A 123 12.11 1.77 -0.26
C ALA A 123 12.65 1.18 -1.57
N ALA A 124 13.06 -0.08 -1.54
CA ALA A 124 13.50 -0.74 -2.77
C ALA A 124 12.39 -0.78 -3.80
N ALA A 125 11.17 -1.14 -3.36
CA ALA A 125 10.04 -1.14 -4.27
C ALA A 125 9.75 0.26 -4.79
N MET A 126 9.83 1.26 -3.93
CA MET A 126 9.55 2.63 -4.34
C MET A 126 10.64 3.18 -5.25
N HIS A 127 11.90 2.85 -4.98
CA HIS A 127 12.97 3.23 -5.89
C HIS A 127 12.75 2.62 -7.27
N PHE A 128 12.38 1.35 -7.32
CA PHE A 128 12.07 0.70 -8.59
C PHE A 128 10.96 1.44 -9.33
N LEU A 129 9.89 1.81 -8.63
CA LEU A 129 8.83 2.56 -9.27
C LEU A 129 9.32 3.94 -9.71
N GLU A 130 10.16 4.59 -8.89
CA GLU A 130 10.70 5.89 -9.28
C GLU A 130 11.51 5.78 -10.56
N GLU A 131 12.36 4.76 -10.66
CA GLU A 131 13.17 4.58 -11.88
C GLU A 131 12.28 4.40 -13.11
N ASN A 132 11.16 3.69 -12.94
CA ASN A 132 10.20 3.48 -14.02
C ASN A 132 9.17 4.60 -14.12
N THR A 133 9.34 5.67 -13.33
CA THR A 133 8.45 6.82 -13.36
C THR A 133 6.98 6.38 -13.29
N LEU A 134 6.70 5.50 -12.35
CA LEU A 134 5.35 4.99 -12.10
C LEU A 134 4.92 5.47 -10.72
N ILE A 135 3.78 6.16 -10.66
CA ILE A 135 3.28 6.72 -9.41
C ILE A 135 2.33 5.70 -8.79
N HIS A 136 2.56 5.39 -7.51
CA HIS A 136 1.67 4.49 -6.78
C HIS A 136 0.44 5.25 -6.30
N GLY A 137 0.64 6.19 -5.38
CA GLY A 137 -0.40 7.11 -4.99
C GLY A 137 -1.17 6.76 -3.74
N ASN A 138 -0.91 5.60 -3.15
CA ASN A 138 -1.58 5.21 -1.92
C ASN A 138 -0.67 4.30 -1.11
N VAL A 139 0.53 4.77 -0.81
CA VAL A 139 1.46 4.04 0.03
C VAL A 139 1.03 4.20 1.48
N CYS A 140 0.78 3.07 2.15
CA CYS A 140 0.38 3.06 3.55
C CYS A 140 0.56 1.64 4.06
N ALA A 141 0.67 1.51 5.38
CA ALA A 141 0.88 0.19 5.97
C ALA A 141 -0.25 -0.77 5.62
N LYS A 142 -1.47 -0.25 5.48
CA LYS A 142 -2.59 -1.10 5.09
C LYS A 142 -2.41 -1.71 3.70
N ASN A 143 -1.61 -1.07 2.84
CA ASN A 143 -1.35 -1.57 1.50
C ASN A 143 0.00 -2.26 1.40
N ILE A 144 0.59 -2.64 2.52
CA ILE A 144 1.81 -3.46 2.56
C ILE A 144 1.42 -4.82 3.12
N LEU A 145 1.87 -5.87 2.44
CA LEU A 145 1.50 -7.24 2.77
C LEU A 145 2.71 -7.98 3.35
N LEU A 146 2.48 -8.72 4.43
CA LEU A 146 3.55 -9.50 5.06
C LEU A 146 3.54 -10.91 4.48
N ILE A 147 4.52 -11.20 3.63
CA ILE A 147 4.61 -12.51 3.00
C ILE A 147 5.22 -13.52 3.95
N ARG A 148 6.20 -13.11 4.75
CA ARG A 148 6.99 -14.02 5.57
C ARG A 148 7.37 -13.31 6.86
N GLU A 149 7.24 -14.03 7.98
CA GLU A 149 7.65 -13.50 9.26
C GLU A 149 9.17 -13.65 9.43
N GLU A 150 9.72 -12.84 10.33
CA GLU A 150 11.13 -12.95 10.65
C GLU A 150 11.41 -14.28 11.33
N ASP A 151 12.49 -14.95 10.90
CA ASP A 151 12.95 -16.19 11.52
C ASP A 151 14.48 -16.11 11.54
N ARG A 152 15.04 -15.51 12.60
CA ARG A 152 16.48 -15.39 12.68
C ARG A 152 17.17 -16.74 12.87
N LYS A 153 16.47 -17.71 13.45
CA LYS A 153 17.03 -19.05 13.59
C LYS A 153 17.55 -19.57 12.25
N THR A 154 16.77 -19.39 11.20
CA THR A 154 17.18 -19.77 9.85
C THR A 154 17.79 -18.59 9.08
N GLY A 155 18.01 -17.47 9.74
CA GLY A 155 18.57 -16.30 9.06
C GLY A 155 17.66 -15.68 8.02
N ASN A 156 16.34 -15.78 8.21
CA ASN A 156 15.39 -15.25 7.24
C ASN A 156 14.85 -13.90 7.72
N PRO A 157 14.92 -12.86 6.91
CA PRO A 157 14.30 -11.59 7.30
C PRO A 157 12.80 -11.63 7.09
N PRO A 158 12.07 -10.65 7.61
CA PRO A 158 10.67 -10.48 7.18
C PRO A 158 10.66 -10.12 5.69
N PHE A 159 9.55 -10.43 5.04
CA PHE A 159 9.40 -10.21 3.61
C PHE A 159 8.04 -9.57 3.35
N ILE A 160 8.05 -8.35 2.82
CA ILE A 160 6.82 -7.63 2.55
C ILE A 160 6.71 -7.39 1.05
N LYS A 161 5.51 -7.03 0.63
CA LYS A 161 5.25 -6.63 -0.75
C LYS A 161 4.29 -5.44 -0.74
N LEU A 162 4.55 -4.48 -1.62
CA LEU A 162 3.66 -3.35 -1.80
C LEU A 162 2.48 -3.77 -2.68
N SER A 163 1.27 -3.50 -2.20
CA SER A 163 0.07 -3.92 -2.90
C SER A 163 -0.32 -2.86 -3.94
N ASP A 164 -1.45 -3.07 -4.60
CA ASP A 164 -1.88 -2.17 -5.66
C ASP A 164 -2.38 -0.85 -5.08
N PRO A 165 -2.44 0.21 -5.90
CA PRO A 165 -2.91 1.50 -5.38
C PRO A 165 -4.40 1.55 -5.09
N GLY A 166 -5.21 0.79 -5.83
CA GLY A 166 -6.64 0.99 -5.78
C GLY A 166 -7.04 2.16 -6.66
N ILE A 167 -8.25 2.66 -6.42
CA ILE A 167 -8.75 3.80 -7.19
C ILE A 167 -7.84 5.00 -6.95
N SER A 168 -7.51 5.71 -8.03
CA SER A 168 -6.60 6.84 -7.93
C SER A 168 -7.23 8.00 -7.14
N ILE A 169 -6.40 8.68 -6.35
CA ILE A 169 -6.87 9.86 -5.65
C ILE A 169 -7.20 11.02 -6.57
N THR A 170 -6.84 10.91 -7.86
CA THR A 170 -7.18 11.95 -8.81
C THR A 170 -8.65 11.91 -9.23
N VAL A 171 -9.37 10.84 -8.90
CA VAL A 171 -10.77 10.69 -9.26
C VAL A 171 -11.67 10.53 -8.05
N LEU A 172 -11.11 10.44 -6.84
CA LEU A 172 -11.90 10.17 -5.66
C LEU A 172 -12.53 11.45 -5.12
N PRO A 173 -13.64 11.33 -4.38
CA PRO A 173 -14.23 12.52 -3.74
C PRO A 173 -13.26 13.16 -2.78
N LYS A 174 -13.20 14.49 -2.79
CA LYS A 174 -12.28 15.20 -1.91
C LYS A 174 -12.52 14.84 -0.44
N ASP A 175 -13.76 14.52 -0.08
CA ASP A 175 -14.02 14.07 1.28
C ASP A 175 -13.20 12.83 1.62
N ILE A 176 -13.03 11.93 0.67
CA ILE A 176 -12.24 10.73 0.92
C ILE A 176 -10.76 11.09 1.05
N LEU A 177 -10.27 12.00 0.20
CA LEU A 177 -8.88 12.43 0.31
C LEU A 177 -8.62 13.05 1.69
N GLN A 178 -9.56 13.88 2.17
CA GLN A 178 -9.36 14.50 3.48
C GLN A 178 -9.33 13.48 4.59
N GLU A 179 -10.11 12.40 4.46
CA GLU A 179 -10.06 11.33 5.45
C GLU A 179 -8.70 10.63 5.46
N ARG A 180 -8.04 10.57 4.30
CA ARG A 180 -6.75 9.90 4.19
C ARG A 180 -5.58 10.80 4.57
N ILE A 181 -5.83 12.04 4.99
CA ILE A 181 -4.75 12.82 5.60
C ILE A 181 -4.27 12.07 6.84
N PRO A 182 -2.96 11.98 7.10
CA PRO A 182 -1.83 12.62 6.40
C PRO A 182 -1.09 11.71 5.41
N TRP A 183 -1.79 10.71 4.84
CA TRP A 183 -1.16 9.90 3.80
C TRP A 183 -1.21 10.62 2.45
N VAL A 184 -2.36 11.17 2.08
CA VAL A 184 -2.48 12.00 0.88
C VAL A 184 -1.70 13.28 1.13
N PRO A 185 -0.71 13.61 0.29
CA PRO A 185 0.15 14.77 0.59
C PRO A 185 -0.62 16.07 0.48
N PRO A 186 -0.08 17.15 1.06
CA PRO A 186 -0.82 18.42 1.06
C PRO A 186 -1.15 18.93 -0.33
N GLU A 187 -0.20 18.88 -1.28
CA GLU A 187 -0.46 19.46 -2.59
C GLU A 187 -1.60 18.74 -3.31
N CYS A 188 -1.84 17.47 -2.98
CA CYS A 188 -2.97 16.76 -3.59
C CYS A 188 -4.30 17.10 -2.92
N ILE A 189 -4.27 17.64 -1.70
CA ILE A 189 -5.50 18.14 -1.08
C ILE A 189 -5.93 19.45 -1.73
N GLU A 190 -4.97 20.31 -2.08
CA GLU A 190 -5.31 21.56 -2.74
C GLU A 190 -5.63 21.35 -4.21
N ASN A 191 -5.00 20.37 -4.86
CA ASN A 191 -5.29 20.06 -6.25
C ASN A 191 -4.92 18.61 -6.54
N PRO A 192 -5.89 17.74 -6.82
CA PRO A 192 -5.56 16.33 -7.08
C PRO A 192 -4.77 16.11 -8.36
N LYS A 193 -4.60 17.14 -9.19
CA LYS A 193 -3.75 17.04 -10.38
C LYS A 193 -2.27 17.19 -10.05
N ASN A 194 -1.93 17.54 -8.81
CA ASN A 194 -0.54 17.62 -8.37
C ASN A 194 0.08 16.25 -8.13
N LEU A 195 -0.62 15.16 -8.46
CA LEU A 195 -0.06 13.83 -8.29
C LEU A 195 1.25 13.72 -9.06
N ASN A 196 2.32 13.41 -8.33
CA ASN A 196 3.67 13.39 -8.90
C ASN A 196 4.46 12.28 -8.21
N LEU A 197 5.66 12.03 -8.70
CA LEU A 197 6.56 11.11 -8.00
C LEU A 197 6.76 11.54 -6.56
N ALA A 198 6.83 12.86 -6.32
CA ALA A 198 7.01 13.36 -4.97
C ALA A 198 5.86 12.97 -4.05
N THR A 199 4.68 12.71 -4.62
CA THR A 199 3.55 12.23 -3.83
C THR A 199 3.95 11.03 -2.97
N ASP A 200 4.53 10.00 -3.60
CA ASP A 200 4.82 8.76 -2.88
C ASP A 200 5.89 8.94 -1.83
N LYS A 201 6.76 9.96 -1.97
CA LYS A 201 7.78 10.20 -0.95
C LYS A 201 7.14 10.67 0.35
N TRP A 202 6.18 11.61 0.26
CA TRP A 202 5.42 11.99 1.43
C TRP A 202 4.77 10.78 2.08
N SER A 203 4.01 10.01 1.29
CA SER A 203 3.27 8.88 1.84
C SER A 203 4.20 7.86 2.49
N PHE A 204 5.37 7.62 1.88
CA PHE A 204 6.36 6.76 2.50
C PHE A 204 6.73 7.25 3.89
N GLY A 205 6.85 8.57 4.05
CA GLY A 205 7.15 9.12 5.38
C GLY A 205 6.05 8.79 6.38
N THR A 206 4.80 8.97 5.98
CA THR A 206 3.68 8.63 6.86
C THR A 206 3.71 7.14 7.18
N THR A 207 4.05 6.31 6.17
CA THR A 207 4.11 4.87 6.40
C THR A 207 5.24 4.51 7.35
N LEU A 208 6.39 5.19 7.22
CA LEU A 208 7.47 4.99 8.19
C LEU A 208 7.00 5.33 9.60
N TRP A 209 6.20 6.40 9.73
CA TRP A 209 5.64 6.75 11.03
C TRP A 209 4.77 5.61 11.58
N GLU A 210 3.93 5.02 10.72
CA GLU A 210 3.14 3.86 11.13
C GLU A 210 4.04 2.74 11.64
N ILE A 211 5.12 2.46 10.93
CA ILE A 211 6.00 1.36 11.30
C ILE A 211 6.67 1.65 12.63
N CYS A 212 7.13 2.88 12.84
CA CYS A 212 7.79 3.22 14.09
C CYS A 212 6.80 3.27 15.25
N SER A 213 5.54 3.58 14.98
CA SER A 213 4.52 3.73 16.01
C SER A 213 3.77 2.43 16.29
N GLY A 214 4.33 1.30 15.92
CA GLY A 214 3.67 0.03 16.17
C GLY A 214 2.32 -0.11 15.51
N GLY A 215 2.11 0.57 14.39
CA GLY A 215 0.87 0.48 13.65
C GLY A 215 -0.17 1.50 14.03
N ASP A 216 0.13 2.41 14.95
CA ASP A 216 -0.80 3.51 15.23
C ASP A 216 -1.08 4.29 13.97
N LYS A 217 -2.32 4.71 13.80
CA LYS A 217 -2.74 5.46 12.62
C LYS A 217 -2.69 6.94 12.93
N PRO A 218 -1.79 7.71 12.33
CA PRO A 218 -1.67 9.13 12.69
C PRO A 218 -2.94 9.89 12.38
N LEU A 219 -3.38 10.71 13.34
CA LEU A 219 -4.54 11.58 13.23
C LEU A 219 -5.86 10.82 13.09
N SER A 220 -5.87 9.53 13.38
CA SER A 220 -7.07 8.73 13.17
C SER A 220 -8.23 9.23 14.03
N ALA A 221 -7.94 9.81 15.19
CA ALA A 221 -8.99 10.29 16.08
C ALA A 221 -9.62 11.59 15.61
N LEU A 222 -8.95 12.33 14.74
CA LEU A 222 -9.46 13.62 14.31
C LEU A 222 -10.51 13.46 13.22
N ASP A 223 -11.36 14.48 13.08
CA ASP A 223 -12.32 14.53 12.00
C ASP A 223 -11.69 15.19 10.77
N SER A 224 -12.43 15.18 9.66
CA SER A 224 -11.89 15.67 8.40
C SER A 224 -11.51 17.14 8.47
N GLN A 225 -12.24 17.94 9.26
CA GLN A 225 -11.95 19.36 9.31
C GLN A 225 -10.66 19.64 10.08
N ARG A 226 -10.42 18.90 11.16
CA ARG A 226 -9.17 19.06 11.89
C ARG A 226 -7.99 18.53 11.08
N LYS A 227 -8.21 17.45 10.32
CA LYS A 227 -7.16 16.98 9.40
C LYS A 227 -6.80 18.04 8.38
N LEU A 228 -7.81 18.72 7.83
CA LEU A 228 -7.54 19.83 6.92
C LEU A 228 -6.72 20.92 7.61
N GLN A 229 -7.14 21.32 8.81
CA GLN A 229 -6.42 22.36 9.54
C GLN A 229 -4.98 21.93 9.83
N PHE A 230 -4.79 20.64 10.10
CA PHE A 230 -3.44 20.10 10.28
C PHE A 230 -2.53 20.50 9.13
N TYR A 231 -3.04 20.44 7.89
CA TYR A 231 -2.26 20.83 6.74
C TYR A 231 -2.22 22.34 6.54
N GLU A 232 -3.33 23.03 6.79
CA GLU A 232 -3.38 24.47 6.56
C GLU A 232 -2.33 25.19 7.39
N ASP A 233 -2.07 24.74 8.61
CA ASP A 233 -1.07 25.32 9.48
C ASP A 233 0.27 24.59 9.40
N ARG A 234 0.40 23.67 8.44
CA ARG A 234 1.67 22.99 8.18
C ARG A 234 2.21 22.29 9.43
N HIS A 235 1.34 21.55 10.09
CA HIS A 235 1.77 20.71 11.19
C HIS A 235 2.59 19.53 10.66
N GLN A 236 3.52 19.07 11.49
CA GLN A 236 4.24 17.82 11.27
C GLN A 236 3.77 16.80 12.31
N LEU A 237 3.84 15.53 11.96
CA LEU A 237 3.54 14.50 12.93
C LEU A 237 4.60 14.50 14.03
N PRO A 238 4.22 14.28 15.29
CA PRO A 238 5.23 14.20 16.35
C PRO A 238 6.12 12.97 16.19
N ALA A 239 7.31 13.07 16.75
CA ALA A 239 8.27 11.96 16.65
C ALA A 239 7.72 10.73 17.36
N PRO A 240 7.80 9.55 16.75
CA PRO A 240 7.37 8.33 17.45
C PRO A 240 8.26 8.05 18.65
N LYS A 241 7.73 7.20 19.55
CA LYS A 241 8.52 6.77 20.69
C LYS A 241 9.85 6.19 20.24
N ALA A 242 9.80 5.21 19.32
CA ALA A 242 11.00 4.70 18.66
C ALA A 242 11.41 5.73 17.60
N ALA A 243 12.12 6.76 18.06
CA ALA A 243 12.43 7.94 17.26
C ALA A 243 13.71 7.79 16.45
N GLU A 244 14.12 6.56 16.13
CA GLU A 244 15.32 6.37 15.33
C GLU A 244 15.13 6.80 13.88
N LEU A 245 13.89 7.02 13.44
CA LEU A 245 13.59 7.42 12.08
C LEU A 245 12.88 8.77 12.01
N ALA A 246 12.96 9.57 13.06
CA ALA A 246 12.22 10.82 13.11
C ALA A 246 12.68 11.78 12.02
N ASN A 247 14.00 11.94 11.87
CA ASN A 247 14.52 12.90 10.89
C ASN A 247 14.16 12.48 9.48
N LEU A 248 14.25 11.19 9.17
CA LEU A 248 13.88 10.72 7.85
C LEU A 248 12.39 10.93 7.59
N ILE A 249 11.56 10.61 8.58
CA ILE A 249 10.14 10.87 8.46
C ILE A 249 9.88 12.34 8.14
N ASN A 250 10.56 13.23 8.87
CA ASN A 250 10.39 14.66 8.63
C ASN A 250 10.87 15.06 7.24
N ASN A 251 12.01 14.52 6.82
CA ASN A 251 12.52 14.83 5.48
C ASN A 251 11.52 14.41 4.42
N CYS A 252 10.91 13.24 4.59
CA CYS A 252 9.95 12.75 3.59
C CYS A 252 8.66 13.54 3.63
N MET A 253 8.18 13.90 4.82
CA MET A 253 6.95 14.67 4.97
C MET A 253 7.21 16.16 4.93
N ASP A 254 7.88 16.61 3.87
CA ASP A 254 8.18 18.02 3.68
C ASP A 254 7.09 18.65 2.81
N TYR A 255 6.52 19.76 3.30
CA TYR A 255 5.44 20.41 2.57
C TYR A 255 5.88 20.93 1.20
N GLU A 256 7.17 21.07 0.97
CA GLU A 256 7.67 21.41 -0.35
C GLU A 256 8.03 20.13 -1.08
N PRO A 257 7.32 19.74 -2.15
CA PRO A 257 7.63 18.47 -2.81
C PRO A 257 9.09 18.36 -3.26
N ASP A 258 9.66 19.46 -3.77
CA ASP A 258 11.03 19.42 -4.30
C ASP A 258 12.06 19.15 -3.21
N HIS A 259 11.68 19.30 -1.95
CA HIS A 259 12.61 19.07 -0.85
C HIS A 259 12.58 17.64 -0.32
N ARG A 260 11.72 16.79 -0.87
CA ARG A 260 11.65 15.41 -0.39
C ARG A 260 12.78 14.59 -1.01
N PRO A 261 13.44 13.74 -0.22
CA PRO A 261 14.64 13.06 -0.73
C PRO A 261 14.30 11.97 -1.73
N SER A 262 15.24 11.72 -2.65
CA SER A 262 15.09 10.58 -3.54
C SER A 262 15.10 9.29 -2.73
N PHE A 263 14.54 8.23 -3.32
CA PHE A 263 14.55 6.95 -2.63
C PHE A 263 15.95 6.35 -2.59
N ARG A 264 16.80 6.71 -3.57
CA ARG A 264 18.22 6.39 -3.45
C ARG A 264 18.79 6.98 -2.17
N ALA A 265 18.41 8.21 -1.83
CA ALA A 265 18.90 8.84 -0.61
C ALA A 265 18.20 8.29 0.63
N ILE A 266 16.91 7.99 0.52
CA ILE A 266 16.20 7.36 1.64
C ILE A 266 16.88 6.04 2.00
N ILE A 267 17.26 5.27 0.99
CA ILE A 267 17.95 4.00 1.25
C ILE A 267 19.30 4.23 1.91
N ARG A 268 20.03 5.27 1.48
CA ARG A 268 21.26 5.64 2.17
C ARG A 268 20.99 5.91 3.65
N ASP A 269 19.99 6.74 3.94
CA ASP A 269 19.72 7.08 5.34
C ASP A 269 19.30 5.85 6.14
N LEU A 270 18.59 4.91 5.51
CA LEU A 270 18.17 3.71 6.24
C LEU A 270 19.35 2.78 6.51
N ASN A 271 20.21 2.58 5.51
CA ASN A 271 21.35 1.68 5.69
C ASN A 271 22.34 2.22 6.72
N SER A 272 22.44 3.54 6.85
CA SER A 272 23.40 4.12 7.79
C SER A 272 23.04 3.80 9.23
N LEU A 273 21.74 3.70 9.54
CA LEU A 273 21.34 3.33 10.89
C LEU A 273 21.77 1.92 11.27
N PHE A 274 21.99 1.05 10.29
CA PHE A 274 22.48 -0.30 10.55
C PHE A 274 24.00 -0.31 10.64
#